data_2VP1
#
_entry.id   2VP1
#
_cell.length_a   75.340
_cell.length_b   51.600
_cell.length_c   100.740
_cell.angle_alpha   90.00
_cell.angle_beta   98.50
_cell.angle_gamma   90.00
#
_symmetry.space_group_name_H-M   'P 1 21 1'
#
loop_
_entity.id
_entity.type
_entity.pdbx_description
1 polymer 'PERIPLASMIC IRON-BINDING PROTEIN'
2 non-polymer 'FE (III) ION'
3 non-polymer 'CHLORIDE ION'
4 non-polymer '2-(N-MORPHOLINO)-ETHANESULFONIC ACID'
5 water water
#
_entity_poly.entity_id   1
_entity_poly.type   'polypeptide(L)'
_entity_poly.pdbx_seq_one_letter_code
;MTTKISRRTFFVGGTALTALVVANLPRRASAQSRTINLYSSRHYNTDDALYDAFGEVNLIEASAEELIERIQSEGANSPG
DILFTVDAGMLWRAEQAGLFQPVRSGKLNERIPENLRHPDGLWYGFTQRARVLYYSRDRVNPADLSTYEALADPQWRGKI
LVRPSSNVYNLSLTASRIAIHGEPETRRWLQGLVGNFARQPEGNDTAQIRAIAAGIGDVAIANSYYYIRLQKSTDPADQE
VVEKVSLFFPNTGSGERGTHVNVSGAGVLKNAPNRDAAIAFLEYLASDDAQRYFAEGNNEYPVIPGVPIDPVLAAHGQLK
GDPLNVSNLGRYQPDSARLMNEVGWQ
;
_entity_poly.pdbx_strand_id   A,B
#
loop_
_chem_comp.id
_chem_comp.type
_chem_comp.name
_chem_comp.formula
CL non-polymer 'CHLORIDE ION' 'Cl -1'
FE non-polymer 'FE (III) ION' 'Fe 3'
MES non-polymer '2-(N-MORPHOLINO)-ETHANESULFONIC ACID' 'C6 H13 N O4 S'
#
# COMPACT_ATOMS: atom_id res chain seq x y z
N ARG A 34 -7.46 -10.59 39.74
CA ARG A 34 -7.20 -10.25 38.31
C ARG A 34 -5.78 -9.69 38.16
N THR A 35 -4.83 -10.56 37.80
CA THR A 35 -3.43 -10.15 37.81
C THR A 35 -2.60 -10.68 36.63
N ILE A 36 -1.81 -9.79 36.04
CA ILE A 36 -1.06 -10.12 34.83
C ILE A 36 0.43 -9.82 34.95
N ASN A 37 1.20 -10.49 34.10
CA ASN A 37 2.58 -10.11 33.84
C ASN A 37 2.62 -9.49 32.45
N LEU A 38 2.81 -8.18 32.43
CA LEU A 38 2.75 -7.39 31.19
C LEU A 38 4.13 -7.02 30.67
N TYR A 39 4.38 -7.42 29.42
CA TYR A 39 5.60 -7.09 28.71
C TYR A 39 5.34 -5.87 27.85
N SER A 40 5.86 -4.73 28.27
CA SER A 40 5.51 -3.48 27.61
C SER A 40 6.70 -2.74 27.01
N SER A 41 6.56 -2.35 25.74
CA SER A 41 7.50 -1.39 25.15
C SER A 41 6.93 0.03 25.17
N ARG A 42 5.72 0.22 25.70
CA ARG A 42 5.20 1.58 25.92
C ARG A 42 6.08 2.39 26.89
N HIS A 43 6.03 3.71 26.79
CA HIS A 43 6.96 4.56 27.54
C HIS A 43 6.29 5.85 28.04
N TYR A 44 5.13 5.72 28.67
CA TYR A 44 4.37 6.86 29.12
C TYR A 44 4.06 6.68 30.58
N ASN A 45 4.61 7.58 31.40
CA ASN A 45 4.38 7.54 32.85
C ASN A 45 2.90 7.59 33.26
N THR A 46 2.05 8.22 32.46
CA THR A 46 0.62 8.25 32.74
C THR A 46 -0.06 6.89 32.50
N ASP A 47 0.71 5.93 31.97
CA ASP A 47 0.21 4.57 31.75
C ASP A 47 -0.06 3.85 33.05
N ASP A 48 0.71 4.18 34.08
CA ASP A 48 0.58 3.54 35.38
C ASP A 48 -0.86 3.61 35.88
N ALA A 49 -1.45 4.80 35.78
CA ALA A 49 -2.83 4.98 36.22
C ALA A 49 -3.76 4.03 35.48
N LEU A 50 -3.45 3.76 34.21
CA LEU A 50 -4.23 2.81 33.41
C LEU A 50 -4.11 1.39 33.94
N TYR A 51 -2.89 0.98 34.27
CA TYR A 51 -2.63 -0.36 34.82
C TYR A 51 -3.30 -0.55 36.19
N ASP A 52 -3.15 0.43 37.09
CA ASP A 52 -3.76 0.41 38.44
C ASP A 52 -5.29 0.26 38.41
N ALA A 53 -5.94 0.93 37.46
CA ALA A 53 -7.39 0.85 37.25
C ALA A 53 -7.86 -0.55 36.83
N PHE A 54 -6.93 -1.38 36.37
CA PHE A 54 -7.29 -2.73 35.94
C PHE A 54 -7.14 -3.74 37.07
N GLY A 55 -6.01 -3.69 37.77
CA GLY A 55 -5.73 -4.64 38.83
C GLY A 55 -4.27 -4.67 39.16
N GLU A 56 -3.79 -5.83 39.61
CA GLU A 56 -2.37 -6.02 39.88
C GLU A 56 -1.63 -6.32 38.59
N VAL A 57 -0.72 -5.42 38.21
CA VAL A 57 -0.08 -5.48 36.90
C VAL A 57 1.44 -5.47 37.05
N ASN A 58 2.07 -6.63 36.90
CA ASN A 58 3.53 -6.68 36.93
C ASN A 58 4.15 -6.31 35.59
N LEU A 59 4.88 -5.21 35.61
CA LEU A 59 5.49 -4.65 34.43
C LEU A 59 6.87 -5.26 34.15
N ILE A 60 7.03 -5.77 32.93
CA ILE A 60 8.34 -6.12 32.37
C ILE A 60 8.58 -5.19 31.17
N GLU A 61 9.30 -4.08 31.40
CA GLU A 61 9.39 -3.01 30.41
C GLU A 61 10.76 -2.89 29.76
N ALA A 62 10.79 -2.99 28.43
CA ALA A 62 12.01 -2.88 27.66
C ALA A 62 11.64 -2.60 26.22
N SER A 63 12.62 -2.56 25.31
CA SER A 63 12.28 -2.38 23.90
C SER A 63 11.58 -3.64 23.37
N ALA A 64 10.68 -3.44 22.41
CA ALA A 64 9.97 -4.55 21.76
C ALA A 64 10.90 -5.69 21.34
N GLU A 65 12.00 -5.35 20.66
CA GLU A 65 13.04 -6.31 20.27
C GLU A 65 13.53 -7.08 21.50
N GLU A 66 13.91 -6.36 22.55
CA GLU A 66 14.39 -7.02 23.78
C GLU A 66 13.32 -7.93 24.40
N LEU A 67 12.08 -7.47 24.34
CA LEU A 67 10.96 -8.25 24.88
C LEU A 67 10.69 -9.52 24.10
N ILE A 68 10.79 -9.43 22.77
CA ILE A 68 10.56 -10.58 21.89
C ILE A 68 11.67 -11.63 22.10
N GLU A 69 12.93 -11.18 22.16
CA GLU A 69 14.06 -12.11 22.40
C GLU A 69 13.91 -12.81 23.74
N ARG A 70 13.37 -12.09 24.73
CA ARG A 70 13.16 -12.62 26.06
C ARG A 70 12.05 -13.68 26.10
N ILE A 71 10.88 -13.35 25.56
CA ILE A 71 9.79 -14.31 25.48
C ILE A 71 10.27 -15.54 24.74
N GLN A 72 11.07 -15.35 23.70
CA GLN A 72 11.61 -16.50 22.96
C GLN A 72 12.59 -17.33 23.81
N SER A 73 13.61 -16.68 24.36
CA SER A 73 14.60 -17.39 25.17
C SER A 73 13.99 -18.11 26.39
N GLU A 74 12.92 -17.55 26.95
CA GLU A 74 12.24 -18.12 28.13
C GLU A 74 11.49 -19.42 27.84
N GLY A 75 11.11 -19.63 26.57
CA GLY A 75 10.40 -20.83 26.10
C GLY A 75 9.04 -21.04 26.73
N ALA A 76 8.63 -22.31 26.87
CA ALA A 76 7.35 -22.64 27.49
C ALA A 76 7.18 -22.09 28.93
N ASN A 77 8.29 -21.70 29.55
CA ASN A 77 8.30 -21.18 30.92
C ASN A 77 8.06 -19.69 31.11
N SER A 78 7.88 -18.94 30.02
CA SER A 78 7.69 -17.51 30.15
C SER A 78 6.45 -17.21 30.99
N PRO A 79 6.58 -16.37 32.04
CA PRO A 79 5.41 -15.94 32.83
C PRO A 79 4.56 -14.86 32.14
N GLY A 80 5.01 -14.41 30.97
CA GLY A 80 4.35 -13.33 30.25
C GLY A 80 2.93 -13.67 29.86
N ASP A 81 2.05 -12.68 30.04
CA ASP A 81 0.64 -12.78 29.72
C ASP A 81 0.28 -12.00 28.45
N ILE A 82 0.78 -10.77 28.36
CA ILE A 82 0.49 -9.86 27.25
C ILE A 82 1.80 -9.31 26.69
N LEU A 83 1.84 -9.05 25.39
CA LEU A 83 2.86 -8.18 24.82
C LEU A 83 2.18 -6.94 24.24
N PHE A 84 2.53 -5.79 24.81
CA PHE A 84 1.94 -4.50 24.48
C PHE A 84 3.03 -3.63 23.86
N THR A 85 2.91 -3.35 22.57
CA THR A 85 3.95 -2.58 21.85
C THR A 85 3.42 -1.22 21.44
N VAL A 86 4.26 -0.41 20.82
CA VAL A 86 3.81 0.85 20.22
C VAL A 86 4.01 0.81 18.72
N ASP A 87 4.11 -0.38 18.16
CA ASP A 87 4.44 -0.52 16.76
C ASP A 87 3.84 -1.78 16.15
N ALA A 88 3.03 -1.59 15.12
CA ALA A 88 2.42 -2.69 14.38
C ALA A 88 3.48 -3.60 13.75
N GLY A 89 4.65 -3.03 13.41
CA GLY A 89 5.75 -3.82 12.84
C GLY A 89 6.21 -4.92 13.79
N MET A 90 6.52 -4.52 15.02
CA MET A 90 6.98 -5.45 16.03
C MET A 90 5.89 -6.38 16.50
N LEU A 91 4.64 -5.97 16.36
CA LEU A 91 3.55 -6.90 16.61
C LEU A 91 3.55 -7.96 15.51
N TRP A 92 3.68 -7.51 14.27
CA TRP A 92 3.67 -8.42 13.15
C TRP A 92 4.75 -9.50 13.34
N ARG A 93 5.96 -9.08 13.73
CA ARG A 93 7.10 -10.01 13.93
C ARG A 93 6.86 -10.99 15.09
N ALA A 94 6.37 -10.49 16.22
CA ALA A 94 6.01 -11.37 17.33
C ALA A 94 4.96 -12.40 16.92
N GLU A 95 4.00 -11.95 16.12
CA GLU A 95 2.98 -12.81 15.59
C GLU A 95 3.57 -13.83 14.63
N GLN A 96 4.55 -13.41 13.82
CA GLN A 96 5.16 -14.32 12.82
C GLN A 96 6.00 -15.39 13.50
N ALA A 97 6.55 -15.03 14.67
CA ALA A 97 7.39 -15.91 15.47
C ALA A 97 6.60 -16.98 16.25
N GLY A 98 5.27 -16.85 16.25
CA GLY A 98 4.39 -17.82 16.92
C GLY A 98 4.22 -17.54 18.40
N LEU A 99 4.21 -16.26 18.77
CA LEU A 99 4.19 -15.87 20.19
C LEU A 99 2.79 -15.68 20.79
N PHE A 100 1.81 -15.38 19.94
CA PHE A 100 0.47 -15.06 20.39
C PHE A 100 -0.48 -16.23 20.28
N GLN A 101 -1.36 -16.41 21.26
CA GLN A 101 -2.49 -17.34 21.11
C GLN A 101 -3.71 -16.52 20.70
N PRO A 102 -4.63 -17.09 19.91
CA PRO A 102 -5.82 -16.33 19.50
C PRO A 102 -6.81 -16.06 20.62
N VAL A 103 -7.48 -14.93 20.52
CA VAL A 103 -8.49 -14.52 21.50
C VAL A 103 -9.70 -13.93 20.80
N ARG A 104 -10.75 -14.72 20.65
CA ARG A 104 -12.02 -14.19 20.15
C ARG A 104 -12.98 -13.91 21.31
N SER A 105 -13.61 -12.73 21.26
CA SER A 105 -14.63 -12.32 22.22
C SER A 105 -15.61 -11.35 21.54
N GLY A 106 -16.86 -11.32 21.99
CA GLY A 106 -17.87 -10.39 21.46
C GLY A 106 -17.44 -8.93 21.53
N LYS A 107 -17.07 -8.50 22.74
CA LYS A 107 -16.63 -7.13 22.99
C LYS A 107 -15.51 -6.68 22.02
N LEU A 108 -14.37 -7.37 22.02
CA LEU A 108 -13.29 -7.08 21.06
C LEU A 108 -13.77 -7.05 19.61
N ASN A 109 -14.44 -8.12 19.20
CA ASN A 109 -15.04 -8.25 17.89
C ASN A 109 -15.86 -7.02 17.50
N GLU A 110 -16.53 -6.42 18.49
CA GLU A 110 -17.42 -5.28 18.24
C GLU A 110 -16.65 -3.95 18.28
N ARG A 111 -15.64 -3.85 19.14
CA ARG A 111 -15.00 -2.56 19.40
C ARG A 111 -13.71 -2.23 18.64
N ILE A 112 -13.02 -3.23 18.09
CA ILE A 112 -11.79 -2.96 17.32
C ILE A 112 -12.00 -3.06 15.81
N PRO A 113 -11.66 -1.99 15.06
CA PRO A 113 -11.87 -1.95 13.62
C PRO A 113 -11.16 -3.09 12.91
N GLU A 114 -11.82 -3.64 11.90
CA GLU A 114 -11.39 -4.85 11.17
C GLU A 114 -9.94 -4.77 10.71
N ASN A 115 -9.54 -3.61 10.18
CA ASN A 115 -8.19 -3.40 9.66
C ASN A 115 -7.09 -3.17 10.72
N LEU A 116 -7.43 -2.69 11.92
CA LEU A 116 -6.41 -2.47 12.96
C LEU A 116 -6.21 -3.68 13.91
N ARG A 117 -6.43 -4.89 13.37
CA ARG A 117 -6.26 -6.15 14.11
C ARG A 117 -5.89 -7.34 13.20
N HIS A 118 -5.49 -8.46 13.80
CA HIS A 118 -5.27 -9.73 13.09
C HIS A 118 -6.59 -10.48 12.85
N PRO A 119 -6.82 -10.94 11.61
CA PRO A 119 -8.06 -11.67 11.29
C PRO A 119 -8.41 -12.74 12.33
N ASP A 120 -7.46 -13.65 12.59
CA ASP A 120 -7.63 -14.72 13.59
C ASP A 120 -7.62 -14.20 15.03
N GLY A 121 -7.37 -12.90 15.21
CA GLY A 121 -7.41 -12.30 16.54
C GLY A 121 -6.19 -12.60 17.40
N LEU A 122 -5.04 -12.78 16.75
CA LEU A 122 -3.80 -13.01 17.44
C LEU A 122 -3.33 -11.75 18.20
N TRP A 123 -3.67 -10.57 17.69
CA TRP A 123 -3.35 -9.32 18.38
C TRP A 123 -4.34 -8.23 18.00
N TYR A 124 -4.44 -7.18 18.81
CA TYR A 124 -5.35 -6.08 18.54
C TYR A 124 -4.67 -4.73 18.69
N GLY A 125 -4.91 -3.83 17.75
CA GLY A 125 -4.47 -2.44 17.86
C GLY A 125 -5.48 -1.63 18.65
N PHE A 126 -5.02 -0.95 19.71
CA PHE A 126 -5.90 -0.20 20.62
C PHE A 126 -5.85 1.30 20.49
N THR A 127 -4.73 1.84 20.01
CA THR A 127 -4.65 3.26 19.66
C THR A 127 -4.04 3.42 18.28
N GLN A 128 -4.29 4.58 17.68
CA GLN A 128 -3.62 4.95 16.44
C GLN A 128 -2.83 6.23 16.68
N ARG A 129 -1.76 6.41 15.90
CA ARG A 129 -0.88 7.57 16.06
C ARG A 129 -0.25 7.90 14.74
N ALA A 130 -0.09 9.20 14.50
CA ALA A 130 0.40 9.70 13.23
C ALA A 130 1.84 10.24 13.36
N ARG A 131 2.73 9.73 12.51
CA ARG A 131 4.11 10.24 12.42
C ARG A 131 4.06 11.52 11.59
N VAL A 132 4.02 12.65 12.28
CA VAL A 132 3.79 13.93 11.61
C VAL A 132 5.08 14.72 11.41
N LEU A 133 4.96 15.92 10.86
CA LEU A 133 6.07 16.86 10.80
C LEU A 133 5.86 17.99 11.77
N TYR A 134 6.94 18.42 12.42
CA TYR A 134 6.92 19.68 13.21
C TYR A 134 7.88 20.67 12.59
N TYR A 135 7.55 21.97 12.68
CA TYR A 135 8.39 23.02 12.08
C TYR A 135 8.45 24.35 12.87
N SER A 136 9.56 25.06 12.70
CA SER A 136 9.75 26.38 13.28
C SER A 136 8.80 27.37 12.63
N ARG A 137 7.93 27.99 13.43
CA ARG A 137 6.97 28.96 12.91
C ARG A 137 7.75 30.19 12.46
N ASP A 138 8.94 30.36 13.01
CA ASP A 138 9.76 31.53 12.70
C ASP A 138 10.64 31.34 11.46
N ARG A 139 11.04 30.11 11.18
CA ARG A 139 11.99 29.87 10.09
C ARG A 139 11.38 29.09 8.92
N VAL A 140 10.22 28.50 9.13
CA VAL A 140 9.61 27.65 8.10
C VAL A 140 8.26 28.18 7.67
N ASN A 141 8.12 28.29 6.36
CA ASN A 141 6.88 28.59 5.70
C ASN A 141 6.19 27.23 5.46
N PRO A 142 4.97 27.01 6.04
CA PRO A 142 4.36 25.68 5.90
C PRO A 142 3.88 25.37 4.47
N ALA A 143 3.87 26.39 3.60
CA ALA A 143 3.61 26.23 2.17
C ALA A 143 4.77 25.48 1.46
N ASP A 144 5.91 25.39 2.13
CA ASP A 144 7.10 24.66 1.62
C ASP A 144 7.05 23.19 1.96
N LEU A 145 6.19 22.84 2.92
CA LEU A 145 6.09 21.47 3.38
C LEU A 145 5.09 20.73 2.52
N SER A 146 5.25 19.42 2.46
CA SER A 146 4.31 18.56 1.76
C SER A 146 4.43 17.15 2.31
N THR A 147 5.51 16.46 1.91
CA THR A 147 5.68 15.06 2.22
C THR A 147 6.94 14.78 3.04
N TYR A 148 7.07 13.56 3.57
CA TYR A 148 8.34 13.11 4.15
C TYR A 148 9.40 13.15 3.04
N GLU A 149 8.97 12.81 1.82
CA GLU A 149 9.84 12.63 0.66
C GLU A 149 10.57 13.92 0.30
N ALA A 150 9.84 15.04 0.37
CA ALA A 150 10.34 16.34 -0.05
C ALA A 150 11.45 16.85 0.89
N LEU A 151 11.64 16.17 2.00
CA LEU A 151 12.62 16.57 2.98
C LEU A 151 14.03 16.12 2.57
N ALA A 152 14.13 15.42 1.45
CA ALA A 152 15.42 15.08 0.85
C ALA A 152 15.87 16.12 -0.19
N ASP A 153 15.06 17.17 -0.34
CA ASP A 153 15.41 18.33 -1.15
C ASP A 153 16.61 19.06 -0.55
N PRO A 154 17.57 19.48 -1.40
CA PRO A 154 18.81 20.04 -0.86
C PRO A 154 18.58 21.39 -0.15
N GLN A 155 17.36 21.92 -0.22
CA GLN A 155 16.97 23.16 0.45
C GLN A 155 16.89 23.03 1.97
N TRP A 156 17.00 21.81 2.49
CA TRP A 156 16.98 21.58 3.94
C TRP A 156 18.35 21.15 4.48
N ARG A 157 19.40 21.46 3.75
CA ARG A 157 20.77 21.30 4.25
C ARG A 157 20.85 21.78 5.70
N GLY A 158 21.31 20.89 6.58
CA GLY A 158 21.60 21.20 7.98
C GLY A 158 20.40 21.62 8.80
N LYS A 159 19.22 21.10 8.44
CA LYS A 159 17.94 21.61 8.97
C LYS A 159 16.96 20.61 9.57
N ILE A 160 17.19 19.31 9.35
CA ILE A 160 16.28 18.23 9.78
C ILE A 160 16.66 17.62 11.12
N LEU A 161 15.65 17.38 11.97
CA LEU A 161 15.81 16.66 13.24
C LEU A 161 14.92 15.43 13.26
N VAL A 162 15.52 14.28 13.51
CA VAL A 162 14.82 13.04 13.72
C VAL A 162 15.64 12.27 14.73
N ARG A 163 14.99 11.41 15.50
CA ARG A 163 15.68 10.53 16.42
C ARG A 163 16.41 9.34 15.72
N PRO A 164 17.30 8.61 16.47
CA PRO A 164 18.11 7.53 15.88
C PRO A 164 17.34 6.52 15.03
N SER A 165 18.06 5.82 14.14
CA SER A 165 17.42 4.87 13.25
C SER A 165 16.88 3.59 13.92
N SER A 166 17.48 3.17 15.03
CA SER A 166 17.05 1.91 15.67
C SER A 166 15.64 2.04 16.21
N ASN A 167 15.19 3.27 16.43
CA ASN A 167 13.83 3.47 16.91
C ASN A 167 12.74 2.93 15.99
N VAL A 168 11.76 2.37 16.66
CA VAL A 168 10.74 1.57 16.04
C VAL A 168 9.85 2.42 15.15
N TYR A 169 9.66 3.67 15.55
CA TYR A 169 8.83 4.61 14.78
C TYR A 169 9.43 4.88 13.41
N ASN A 170 10.75 5.03 13.38
CA ASN A 170 11.45 5.32 12.14
C ASN A 170 11.58 4.07 11.29
N LEU A 171 11.70 2.92 11.96
CA LEU A 171 11.77 1.66 11.26
C LEU A 171 10.53 1.55 10.39
N SER A 172 9.37 1.67 11.06
CA SER A 172 8.07 1.53 10.44
C SER A 172 7.88 2.48 9.28
N LEU A 173 8.20 3.75 9.52
CA LEU A 173 8.12 4.77 8.47
C LEU A 173 8.93 4.38 7.21
N THR A 174 10.21 4.06 7.37
CA THR A 174 10.99 3.65 6.21
C THR A 174 10.46 2.38 5.55
N ALA A 175 9.97 1.44 6.36
CA ALA A 175 9.35 0.23 5.85
C ALA A 175 8.14 0.52 4.97
N SER A 176 7.32 1.50 5.38
CA SER A 176 6.13 1.83 4.60
C SER A 176 6.55 2.48 3.30
N ARG A 177 7.62 3.27 3.37
CA ARG A 177 8.17 3.89 2.17
C ARG A 177 8.67 2.88 1.15
N ILE A 178 9.36 1.84 1.62
CA ILE A 178 9.83 0.76 0.71
C ILE A 178 8.64 0.02 0.11
N ALA A 179 7.66 -0.30 0.94
CA ALA A 179 6.43 -0.93 0.47
C ALA A 179 5.83 -0.16 -0.72
N ILE A 180 5.82 1.16 -0.60
CA ILE A 180 5.02 2.04 -1.45
C ILE A 180 5.78 2.55 -2.68
N HIS A 181 7.10 2.76 -2.54
CA HIS A 181 7.94 3.40 -3.57
C HIS A 181 9.00 2.47 -4.11
N GLY A 182 9.27 1.39 -3.38
CA GLY A 182 10.36 0.48 -3.72
C GLY A 182 11.63 0.93 -3.04
N GLU A 183 12.64 0.08 -3.06
CA GLU A 183 13.89 0.34 -2.36
C GLU A 183 14.71 1.52 -2.93
N PRO A 184 15.01 1.52 -4.25
CA PRO A 184 15.83 2.59 -4.83
C PRO A 184 15.37 4.00 -4.48
N GLU A 185 14.07 4.27 -4.58
CA GLU A 185 13.51 5.57 -4.21
C GLU A 185 13.64 5.87 -2.72
N THR A 186 13.50 4.86 -1.88
CA THR A 186 13.61 5.07 -0.43
C THR A 186 15.08 5.34 -0.07
N ARG A 187 15.96 4.57 -0.68
CA ARG A 187 17.40 4.80 -0.58
C ARG A 187 17.75 6.26 -0.91
N ARG A 188 17.22 6.74 -2.03
CA ARG A 188 17.44 8.11 -2.49
C ARG A 188 16.95 9.11 -1.45
N TRP A 189 15.69 8.98 -1.04
CA TRP A 189 15.11 9.80 0.01
C TRP A 189 16.00 9.83 1.26
N LEU A 190 16.43 8.64 1.69
CA LEU A 190 17.24 8.49 2.90
C LEU A 190 18.60 9.16 2.73
N GLN A 191 19.25 8.93 1.59
CA GLN A 191 20.54 9.59 1.32
C GLN A 191 20.35 11.08 1.50
N GLY A 192 19.33 11.62 0.84
CA GLY A 192 19.04 13.05 0.90
C GLY A 192 18.76 13.51 2.31
N LEU A 193 17.90 12.79 3.01
CA LEU A 193 17.47 13.18 4.35
C LEU A 193 18.64 13.19 5.30
N VAL A 194 19.46 12.14 5.25
CA VAL A 194 20.62 12.06 6.14
C VAL A 194 21.57 13.25 5.92
N GLY A 195 21.82 13.61 4.66
CA GLY A 195 22.64 14.77 4.33
C GLY A 195 22.12 16.07 4.91
N ASN A 196 20.80 16.11 5.11
CA ASN A 196 20.12 17.29 5.65
C ASN A 196 19.98 17.27 7.18
N PHE A 197 20.55 16.26 7.86
CA PHE A 197 20.50 16.22 9.32
C PHE A 197 21.13 17.47 9.94
N ALA A 198 20.42 18.06 10.90
CA ALA A 198 20.93 19.16 11.71
C ALA A 198 22.11 18.70 12.59
N ARG A 199 22.02 17.47 13.08
CA ARG A 199 23.04 16.92 13.96
C ARG A 199 22.93 15.41 13.92
N GLN A 200 23.91 14.68 14.46
CA GLN A 200 23.71 13.25 14.61
C GLN A 200 22.52 13.05 15.54
N PRO A 201 21.51 12.28 15.10
CA PRO A 201 20.30 12.07 15.89
C PRO A 201 20.59 11.68 17.33
N GLU A 202 19.90 12.34 18.25
CA GLU A 202 19.94 12.03 19.66
C GLU A 202 18.65 12.52 20.31
N GLY A 203 18.14 11.73 21.24
CA GLY A 203 16.96 12.10 21.99
C GLY A 203 15.75 11.51 21.34
N ASN A 204 14.62 11.54 22.05
CA ASN A 204 13.33 11.00 21.57
C ASN A 204 12.58 11.94 20.62
N ASP A 205 11.33 11.63 20.33
CA ASP A 205 10.52 12.48 19.47
C ASP A 205 10.42 13.88 20.08
N THR A 206 10.06 13.98 21.36
CA THR A 206 9.92 15.28 22.03
C THR A 206 11.22 16.08 21.90
N ALA A 207 12.36 15.42 22.08
CA ALA A 207 13.65 16.10 21.99
C ALA A 207 13.89 16.82 20.65
N GLN A 208 13.29 16.29 19.58
CA GLN A 208 13.42 16.88 18.25
C GLN A 208 12.50 18.08 18.16
N ILE A 209 11.36 18.01 18.86
CA ILE A 209 10.42 19.14 18.88
C ILE A 209 11.04 20.32 19.66
N ARG A 210 11.73 20.00 20.75
CA ARG A 210 12.36 21.03 21.57
C ARG A 210 13.52 21.64 20.80
N ALA A 211 14.29 20.80 20.12
CA ALA A 211 15.45 21.30 19.38
C ALA A 211 15.06 22.36 18.32
N ILE A 212 13.90 22.21 17.70
CA ILE A 212 13.38 23.22 16.78
C ILE A 212 13.23 24.56 17.48
N ALA A 213 12.67 24.53 18.70
CA ALA A 213 12.47 25.73 19.51
C ALA A 213 13.79 26.41 19.87
N ALA A 214 14.83 25.61 20.14
CA ALA A 214 16.15 26.13 20.45
C ALA A 214 16.94 26.48 19.19
N GLY A 215 16.33 26.28 18.03
CA GLY A 215 16.94 26.71 16.76
C GLY A 215 18.06 25.84 16.20
N ILE A 216 18.20 24.62 16.75
CA ILE A 216 19.19 23.64 16.29
C ILE A 216 18.82 23.13 14.89
N GLY A 217 17.52 23.08 14.62
CA GLY A 217 17.00 22.66 13.32
C GLY A 217 15.68 23.30 13.04
N ASP A 218 15.12 22.99 11.88
CA ASP A 218 13.91 23.68 11.37
C ASP A 218 12.70 22.79 11.27
N VAL A 219 12.94 21.53 10.88
CA VAL A 219 11.89 20.55 10.69
C VAL A 219 12.23 19.23 11.40
N ALA A 220 11.20 18.62 11.99
CA ALA A 220 11.33 17.37 12.73
C ALA A 220 10.24 16.40 12.34
N ILE A 221 10.61 15.13 12.21
CA ILE A 221 9.65 14.04 12.03
C ILE A 221 9.43 13.44 13.42
N ALA A 222 8.18 13.49 13.90
CA ALA A 222 7.79 12.89 15.21
C ALA A 222 6.30 12.60 15.31
N ASN A 223 5.91 11.88 16.35
CA ASN A 223 4.51 11.43 16.50
C ASN A 223 3.61 12.55 17.00
N SER A 224 2.35 12.50 16.55
CA SER A 224 1.35 13.51 16.84
C SER A 224 1.11 13.77 18.32
N TYR A 225 0.95 12.70 19.09
CA TYR A 225 0.48 12.82 20.48
C TYR A 225 1.50 13.50 21.44
N TYR A 226 2.77 13.53 21.05
CA TYR A 226 3.80 14.16 21.85
C TYR A 226 3.59 15.65 21.89
N TYR A 227 3.12 16.23 20.79
CA TYR A 227 2.88 17.67 20.69
C TYR A 227 1.67 18.15 21.48
N ILE A 228 0.65 17.31 21.54
CA ILE A 228 -0.59 17.64 22.25
C ILE A 228 -0.32 17.71 23.76
N ARG A 229 0.53 16.82 24.24
CA ARG A 229 0.99 16.84 25.62
C ARG A 229 1.61 18.20 25.98
N LEU A 230 2.44 18.73 25.08
CA LEU A 230 3.05 20.06 25.27
C LEU A 230 1.99 21.16 25.30
N GLN A 231 0.97 21.05 24.44
CA GLN A 231 -0.08 22.05 24.35
C GLN A 231 -0.93 22.14 25.62
N LYS A 232 -0.97 21.06 26.40
CA LYS A 232 -1.81 20.96 27.58
C LYS A 232 -1.01 21.20 28.84
N SER A 233 0.31 21.23 28.68
CA SER A 233 1.22 21.33 29.80
C SER A 233 1.14 22.73 30.43
N THR A 234 1.15 22.79 31.76
CA THR A 234 1.19 24.10 32.45
C THR A 234 2.61 24.66 32.49
N ASP A 235 3.60 23.76 32.32
CA ASP A 235 5.02 24.10 32.28
C ASP A 235 5.27 25.27 31.30
N PRO A 236 5.85 26.38 31.80
CA PRO A 236 6.07 27.54 30.92
C PRO A 236 7.08 27.25 29.81
N ALA A 237 7.99 26.30 30.04
CA ALA A 237 9.00 25.91 29.05
C ALA A 237 8.37 25.13 27.91
N ASP A 238 7.32 24.35 28.21
CA ASP A 238 6.56 23.61 27.21
C ASP A 238 5.67 24.54 26.36
N GLN A 239 5.09 25.57 26.98
CA GLN A 239 4.39 26.63 26.22
C GLN A 239 5.36 27.41 25.33
N GLU A 240 6.61 27.51 25.75
CA GLU A 240 7.62 28.20 24.94
C GLU A 240 7.93 27.40 23.66
N VAL A 241 7.87 26.07 23.75
CA VAL A 241 8.10 25.18 22.61
C VAL A 241 6.91 25.24 21.65
N VAL A 242 5.69 25.11 22.19
CA VAL A 242 4.45 25.25 21.44
C VAL A 242 4.29 26.61 20.72
N GLU A 243 4.69 27.70 21.38
CA GLU A 243 4.65 29.05 20.80
C GLU A 243 5.55 29.13 19.57
N LYS A 244 6.61 28.32 19.56
CA LYS A 244 7.65 28.41 18.53
C LYS A 244 7.53 27.35 17.44
N VAL A 245 6.79 26.29 17.72
CA VAL A 245 6.80 25.12 16.84
C VAL A 245 5.38 24.69 16.53
N SER A 246 5.15 24.29 15.29
CA SER A 246 3.82 23.91 14.88
C SER A 246 3.79 22.52 14.26
N LEU A 247 2.61 21.90 14.27
CA LEU A 247 2.38 20.58 13.72
C LEU A 247 1.90 20.69 12.27
N PHE A 248 2.54 19.96 11.37
CA PHE A 248 2.06 19.82 10.01
C PHE A 248 1.86 18.34 9.63
N PHE A 249 0.67 18.00 9.12
CA PHE A 249 0.39 16.66 8.62
C PHE A 249 0.99 16.47 7.24
N PRO A 250 1.89 15.47 7.07
CA PRO A 250 2.48 15.23 5.77
C PRO A 250 1.66 14.32 4.85
N ASN A 251 1.89 14.45 3.54
CA ASN A 251 1.31 13.57 2.53
C ASN A 251 -0.23 13.60 2.49
N THR A 252 -0.82 14.76 2.86
CA THR A 252 -2.28 14.91 2.85
C THR A 252 -2.78 15.73 1.68
N GLY A 253 -1.85 16.30 0.91
CA GLY A 253 -2.20 17.14 -0.22
C GLY A 253 -2.53 16.37 -1.49
N SER A 254 -2.79 17.12 -2.56
CA SER A 254 -3.05 16.60 -3.90
C SER A 254 -2.13 15.44 -4.35
N GLY A 255 -2.73 14.31 -4.69
CA GLY A 255 -1.97 13.14 -5.17
C GLY A 255 -1.16 12.40 -4.10
N GLU A 256 -1.29 12.80 -2.85
CA GLU A 256 -0.50 12.22 -1.78
C GLU A 256 -1.35 11.16 -1.04
N ARG A 257 -0.70 10.11 -0.52
CA ARG A 257 -1.40 8.91 0.01
C ARG A 257 -2.07 9.11 1.36
N GLY A 258 -1.47 9.96 2.20
CA GLY A 258 -1.92 10.15 3.57
C GLY A 258 -0.75 10.17 4.55
N THR A 259 -1.02 10.53 5.80
CA THR A 259 -0.01 10.50 6.86
C THR A 259 0.28 9.06 7.24
N HIS A 260 1.54 8.76 7.51
CA HIS A 260 1.91 7.47 8.05
C HIS A 260 1.24 7.32 9.41
N VAL A 261 0.37 6.32 9.52
CA VAL A 261 -0.28 6.02 10.79
C VAL A 261 0.21 4.68 11.31
N ASN A 262 0.65 4.66 12.56
CA ASN A 262 0.96 3.39 13.23
C ASN A 262 -0.01 3.16 14.37
N VAL A 263 0.12 2.02 15.03
CA VAL A 263 -0.79 1.61 16.11
C VAL A 263 -0.07 1.02 17.30
N SER A 264 -0.56 1.33 18.51
CA SER A 264 -0.09 0.66 19.71
C SER A 264 -1.07 -0.47 20.01
N GLY A 265 -0.55 -1.67 20.18
CA GLY A 265 -1.41 -2.84 20.34
C GLY A 265 -0.84 -3.99 21.14
N ALA A 266 -1.68 -4.99 21.36
CA ALA A 266 -1.31 -6.14 22.15
C ALA A 266 -2.05 -7.42 21.74
N GLY A 267 -1.52 -8.55 22.18
CA GLY A 267 -2.20 -9.85 22.12
C GLY A 267 -1.76 -10.75 23.28
N VAL A 268 -2.55 -11.78 23.56
CA VAL A 268 -2.22 -12.75 24.62
C VAL A 268 -1.08 -13.68 24.23
N LEU A 269 -0.02 -13.67 25.03
CA LEU A 269 1.09 -14.60 24.83
C LEU A 269 0.66 -16.06 24.94
N LYS A 270 1.42 -16.94 24.28
CA LYS A 270 1.05 -18.34 24.08
C LYS A 270 1.13 -19.20 25.34
N ASN A 271 2.01 -18.81 26.26
CA ASN A 271 2.21 -19.55 27.50
C ASN A 271 1.72 -18.81 28.75
N ALA A 272 0.69 -17.99 28.55
CA ALA A 272 0.14 -17.13 29.60
C ALA A 272 -0.33 -17.96 30.78
N PRO A 273 0.30 -17.77 31.95
CA PRO A 273 -0.15 -18.48 33.17
C PRO A 273 -1.47 -17.91 33.73
N ASN A 274 -1.76 -16.66 33.38
CA ASN A 274 -3.02 -15.98 33.73
C ASN A 274 -3.92 -15.73 32.50
N ARG A 275 -4.19 -16.78 31.73
CA ARG A 275 -4.91 -16.67 30.45
C ARG A 275 -6.21 -15.86 30.53
N ASP A 276 -6.93 -16.02 31.63
CA ASP A 276 -8.22 -15.39 31.82
C ASP A 276 -8.02 -13.89 32.10
N ALA A 277 -7.11 -13.59 33.03
CA ALA A 277 -6.75 -12.24 33.39
C ALA A 277 -6.21 -11.49 32.18
N ALA A 278 -5.48 -12.21 31.33
CA ALA A 278 -4.88 -11.64 30.13
C ALA A 278 -5.95 -11.17 29.15
N ILE A 279 -6.93 -12.04 28.89
CA ILE A 279 -8.07 -11.70 28.04
C ILE A 279 -8.87 -10.54 28.63
N ALA A 280 -8.97 -10.52 29.96
CA ALA A 280 -9.65 -9.45 30.65
C ALA A 280 -8.93 -8.11 30.35
N PHE A 281 -7.60 -8.16 30.24
CA PHE A 281 -6.79 -6.97 30.00
C PHE A 281 -7.04 -6.40 28.61
N LEU A 282 -7.02 -7.27 27.58
CA LEU A 282 -7.28 -6.82 26.20
C LEU A 282 -8.64 -6.16 26.06
N GLU A 283 -9.67 -6.80 26.62
CA GLU A 283 -11.01 -6.21 26.71
C GLU A 283 -11.06 -4.92 27.52
N TYR A 284 -10.30 -4.88 28.61
CA TYR A 284 -10.16 -3.65 29.36
C TYR A 284 -9.55 -2.53 28.49
N LEU A 285 -8.54 -2.85 27.68
CA LEU A 285 -7.96 -1.84 26.78
C LEU A 285 -8.95 -1.31 25.74
N ALA A 286 -10.02 -2.08 25.49
CA ALA A 286 -11.04 -1.72 24.50
C ALA A 286 -12.23 -1.05 25.15
N SER A 287 -12.17 -0.89 26.48
CA SER A 287 -13.27 -0.32 27.24
C SER A 287 -13.31 1.20 27.12
N ASP A 288 -14.52 1.77 27.28
CA ASP A 288 -14.71 3.23 27.28
C ASP A 288 -13.65 3.93 28.14
N ASP A 289 -13.46 3.46 29.38
CA ASP A 289 -12.48 4.05 30.30
C ASP A 289 -11.05 4.09 29.73
N ALA A 290 -10.55 2.94 29.30
CA ALA A 290 -9.18 2.85 28.79
C ALA A 290 -8.99 3.70 27.54
N GLN A 291 -9.94 3.59 26.62
CA GLN A 291 -9.90 4.38 25.37
C GLN A 291 -9.99 5.89 25.66
N ARG A 292 -10.78 6.25 26.67
CA ARG A 292 -10.88 7.64 27.11
C ARG A 292 -9.53 8.13 27.67
N TYR A 293 -8.81 7.25 28.37
CA TYR A 293 -7.46 7.55 28.81
C TYR A 293 -6.49 7.74 27.63
N PHE A 294 -6.48 6.80 26.69
CA PHE A 294 -5.61 6.92 25.54
C PHE A 294 -5.91 8.21 24.80
N ALA A 295 -7.20 8.54 24.67
CA ALA A 295 -7.66 9.76 23.99
C ALA A 295 -7.24 11.08 24.68
N GLU A 296 -7.50 11.18 25.98
CA GLU A 296 -7.39 12.46 26.70
C GLU A 296 -6.32 12.45 27.81
N GLY A 297 -5.56 11.36 27.90
CA GLY A 297 -4.47 11.24 28.87
C GLY A 297 -3.14 11.07 28.17
N ASN A 298 -3.12 10.39 27.03
CA ASN A 298 -1.89 10.31 26.24
C ASN A 298 -2.05 10.86 24.82
N ASN A 299 -3.23 11.40 24.54
CA ASN A 299 -3.49 12.16 23.32
C ASN A 299 -3.30 11.38 22.02
N GLU A 300 -3.43 10.06 22.10
CA GLU A 300 -3.46 9.22 20.93
C GLU A 300 -4.88 9.25 20.33
N TYR A 301 -5.06 8.64 19.16
CA TYR A 301 -6.41 8.45 18.62
C TYR A 301 -6.99 7.13 19.09
N PRO A 302 -8.10 7.17 19.86
CA PRO A 302 -8.78 5.95 20.28
C PRO A 302 -9.26 5.24 19.03
N VAL A 303 -9.48 3.93 19.11
CA VAL A 303 -9.89 3.16 17.92
C VAL A 303 -11.36 2.77 17.95
N ILE A 304 -11.97 2.84 19.14
CA ILE A 304 -13.34 2.35 19.33
C ILE A 304 -14.36 3.42 19.01
N PRO A 305 -15.56 3.01 18.53
CA PRO A 305 -16.60 4.02 18.48
C PRO A 305 -17.14 4.22 19.89
N GLY A 306 -17.58 5.44 20.19
CA GLY A 306 -18.13 5.74 21.51
C GLY A 306 -17.28 6.74 22.30
N VAL A 307 -16.08 7.03 21.80
CA VAL A 307 -15.22 8.03 22.43
C VAL A 307 -14.68 9.03 21.40
N PRO A 308 -14.84 10.31 21.71
CA PRO A 308 -14.31 11.40 20.88
C PRO A 308 -12.80 11.53 20.96
N ILE A 309 -12.22 12.00 19.86
CA ILE A 309 -10.85 12.48 19.80
C ILE A 309 -10.74 13.72 20.68
N ASP A 310 -9.63 13.88 21.40
CA ASP A 310 -9.39 15.05 22.25
C ASP A 310 -9.54 16.35 21.43
N PRO A 311 -10.24 17.37 22.00
CA PRO A 311 -10.46 18.65 21.31
C PRO A 311 -9.18 19.36 20.84
N VAL A 312 -8.12 19.28 21.63
CA VAL A 312 -6.86 19.96 21.28
C VAL A 312 -6.20 19.27 20.07
N LEU A 313 -6.33 17.94 19.99
CA LEU A 313 -5.90 17.16 18.81
C LEU A 313 -6.83 17.32 17.60
N ALA A 314 -8.12 17.44 17.84
CA ALA A 314 -9.08 17.69 16.75
C ALA A 314 -8.87 19.06 16.12
N ALA A 315 -8.54 20.06 16.96
CA ALA A 315 -8.28 21.42 16.53
C ALA A 315 -7.29 21.52 15.36
N HIS A 316 -6.49 20.46 15.17
CA HIS A 316 -5.45 20.41 14.14
C HIS A 316 -5.96 19.90 12.79
N GLY A 317 -7.12 19.25 12.79
CA GLY A 317 -7.71 18.71 11.56
C GLY A 317 -8.00 17.24 11.65
N GLN A 318 -8.88 16.75 10.78
CA GLN A 318 -9.18 15.32 10.68
C GLN A 318 -7.96 14.57 10.18
N LEU A 319 -7.67 13.44 10.82
CA LEU A 319 -6.55 12.60 10.43
C LEU A 319 -6.82 11.97 9.08
N LYS A 320 -5.94 12.25 8.12
CA LYS A 320 -5.97 11.60 6.80
C LYS A 320 -4.80 10.61 6.69
N GLY A 321 -5.02 9.42 7.23
CA GLY A 321 -4.01 8.37 7.28
C GLY A 321 -3.87 7.58 5.99
N ASP A 322 -2.67 7.06 5.77
CA ASP A 322 -2.31 6.18 4.66
C ASP A 322 -3.03 4.80 4.76
N PRO A 323 -3.66 4.35 3.65
CA PRO A 323 -4.41 3.06 3.66
C PRO A 323 -3.57 1.79 3.92
N LEU A 324 -2.28 1.83 3.56
CA LEU A 324 -1.40 0.66 3.66
C LEU A 324 -1.75 -0.30 4.81
N ASN A 325 -1.96 -1.57 4.48
CA ASN A 325 -2.07 -2.59 5.49
C ASN A 325 -0.84 -2.59 6.38
N VAL A 326 -1.06 -2.51 7.69
CA VAL A 326 0.03 -2.39 8.65
C VAL A 326 0.91 -3.65 8.73
N SER A 327 0.53 -4.71 8.03
CA SER A 327 1.39 -5.88 7.99
C SER A 327 2.67 -5.56 7.23
N ASN A 328 2.57 -4.66 6.25
CA ASN A 328 3.72 -4.18 5.49
C ASN A 328 4.77 -3.55 6.37
N LEU A 329 4.33 -2.91 7.45
CA LEU A 329 5.21 -2.23 8.39
C LEU A 329 6.19 -3.21 8.99
N GLY A 330 5.72 -4.42 9.22
CA GLY A 330 6.57 -5.46 9.80
C GLY A 330 7.31 -6.24 8.74
N ARG A 331 6.67 -6.37 7.58
CA ARG A 331 7.20 -7.17 6.48
C ARG A 331 8.50 -6.56 5.97
N TYR A 332 8.53 -5.24 5.86
CA TYR A 332 9.69 -4.52 5.37
C TYR A 332 10.60 -3.93 6.48
N GLN A 333 10.57 -4.50 7.69
CA GLN A 333 11.42 -4.02 8.80
C GLN A 333 12.92 -4.32 8.68
N PRO A 334 13.28 -5.56 8.29
CA PRO A 334 14.69 -5.90 8.02
C PRO A 334 15.31 -5.05 6.91
N ASP A 335 14.59 -4.89 5.82
CA ASP A 335 15.01 -4.02 4.72
C ASP A 335 15.23 -2.59 5.20
N SER A 336 14.27 -2.09 5.98
CA SER A 336 14.32 -0.76 6.58
C SER A 336 15.56 -0.57 7.46
N ALA A 337 15.74 -1.47 8.43
CA ALA A 337 16.95 -1.51 9.27
C ALA A 337 18.19 -1.47 8.38
N ARG A 338 18.22 -2.36 7.40
CA ARG A 338 19.35 -2.54 6.49
C ARG A 338 19.64 -1.27 5.69
N LEU A 339 18.59 -0.68 5.16
CA LEU A 339 18.71 0.50 4.32
C LEU A 339 19.23 1.69 5.11
N MET A 340 18.67 1.93 6.29
CA MET A 340 19.07 3.07 7.13
C MET A 340 20.52 2.92 7.59
N ASN A 341 20.94 1.68 7.81
CA ASN A 341 22.33 1.37 8.09
C ASN A 341 23.22 1.73 6.93
N GLU A 342 22.79 1.34 5.73
CA GLU A 342 23.53 1.59 4.49
C GLU A 342 23.79 3.05 4.16
N VAL A 343 22.79 3.91 4.35
CA VAL A 343 22.94 5.32 3.98
C VAL A 343 23.61 6.13 5.09
N GLY A 344 23.77 5.51 6.25
CA GLY A 344 24.44 6.17 7.36
C GLY A 344 23.53 6.83 8.36
N TRP A 345 22.22 6.54 8.31
CA TRP A 345 21.32 7.00 9.34
C TRP A 345 21.68 6.27 10.64
N GLN A 346 22.25 7.01 11.59
CA GLN A 346 22.77 6.43 12.83
C GLN A 346 21.69 6.33 13.89
N ARG B 34 -28.43 8.70 -18.55
CA ARG B 34 -28.68 9.14 -19.95
C ARG B 34 -27.50 8.70 -20.86
N THR B 35 -26.89 9.68 -21.54
CA THR B 35 -25.91 9.42 -22.59
C THR B 35 -24.51 9.97 -22.26
N ILE B 36 -23.48 9.21 -22.68
CA ILE B 36 -22.08 9.62 -22.54
C ILE B 36 -21.24 9.29 -23.77
N ASN B 37 -20.19 10.08 -24.00
CA ASN B 37 -19.17 9.75 -24.98
C ASN B 37 -17.96 9.14 -24.28
N LEU B 38 -17.88 7.81 -24.36
CA LEU B 38 -16.89 7.02 -23.65
C LEU B 38 -15.65 6.75 -24.50
N TYR B 39 -14.52 7.28 -24.06
CA TYR B 39 -13.22 6.98 -24.66
C TYR B 39 -12.61 5.79 -23.94
N SER B 40 -12.64 4.62 -24.58
CA SER B 40 -12.21 3.40 -23.93
C SER B 40 -11.04 2.72 -24.66
N SER B 41 -10.11 2.19 -23.88
CA SER B 41 -9.00 1.38 -24.40
C SER B 41 -9.18 -0.06 -23.97
N ARG B 42 -10.31 -0.34 -23.32
CA ARG B 42 -10.72 -1.72 -23.06
C ARG B 42 -10.93 -2.49 -24.37
N HIS B 43 -10.77 -3.81 -24.32
CA HIS B 43 -10.83 -4.65 -25.52
C HIS B 43 -11.63 -5.94 -25.29
N TYR B 44 -12.87 -5.82 -24.83
CA TYR B 44 -13.72 -6.98 -24.54
C TYR B 44 -15.19 -6.77 -24.95
N ASN B 45 -15.59 -7.56 -25.96
CA ASN B 45 -16.95 -7.54 -26.50
C ASN B 45 -18.02 -7.72 -25.44
N THR B 46 -17.66 -8.41 -24.36
CA THR B 46 -18.56 -8.59 -23.23
C THR B 46 -18.95 -7.26 -22.60
N ASP B 47 -18.04 -6.29 -22.62
CA ASP B 47 -18.31 -4.94 -22.13
C ASP B 47 -19.58 -4.30 -22.69
N ASP B 48 -19.95 -4.65 -23.92
CA ASP B 48 -21.13 -4.10 -24.57
C ASP B 48 -22.41 -4.33 -23.77
N ALA B 49 -22.54 -5.52 -23.19
CA ALA B 49 -23.69 -5.78 -22.32
C ALA B 49 -23.69 -4.76 -21.19
N LEU B 50 -22.51 -4.55 -20.61
CA LEU B 50 -22.31 -3.60 -19.52
C LEU B 50 -22.72 -2.16 -19.87
N TYR B 51 -22.16 -1.63 -20.96
CA TYR B 51 -22.46 -0.29 -21.46
C TYR B 51 -23.95 -0.11 -21.75
N ASP B 52 -24.52 -1.03 -22.54
CA ASP B 52 -25.93 -1.02 -22.91
C ASP B 52 -26.90 -1.09 -21.74
N ALA B 53 -26.46 -1.65 -20.61
CA ALA B 53 -27.25 -1.70 -19.38
C ALA B 53 -27.36 -0.34 -18.71
N PHE B 54 -26.33 0.47 -18.87
CA PHE B 54 -26.34 1.82 -18.33
C PHE B 54 -27.27 2.77 -19.10
N GLY B 55 -27.29 2.68 -20.42
CA GLY B 55 -27.94 3.69 -21.29
C GLY B 55 -27.25 3.86 -22.63
N GLU B 56 -27.46 5.01 -23.28
CA GLU B 56 -26.91 5.27 -24.63
C GLU B 56 -25.40 5.59 -24.58
N VAL B 57 -24.56 4.57 -24.71
CA VAL B 57 -23.10 4.76 -24.61
C VAL B 57 -22.41 4.87 -25.98
N ASN B 58 -21.90 6.05 -26.29
CA ASN B 58 -21.17 6.27 -27.53
C ASN B 58 -19.72 5.88 -27.35
N LEU B 59 -19.32 4.83 -28.06
CA LEU B 59 -18.00 4.26 -27.94
C LEU B 59 -17.01 4.88 -28.91
N ILE B 60 -15.99 5.52 -28.35
CA ILE B 60 -14.77 5.87 -29.07
C ILE B 60 -13.67 4.96 -28.51
N GLU B 61 -13.27 3.96 -29.30
CA GLU B 61 -12.35 2.93 -28.82
C GLU B 61 -11.03 2.92 -29.58
N ALA B 62 -9.95 3.17 -28.86
CA ALA B 62 -8.61 3.21 -29.43
C ALA B 62 -7.59 2.94 -28.32
N SER B 63 -6.31 3.01 -28.64
CA SER B 63 -5.31 2.86 -27.58
C SER B 63 -5.40 4.07 -26.62
N ALA B 64 -4.96 3.91 -25.38
CA ALA B 64 -4.96 5.03 -24.43
C ALA B 64 -4.12 6.19 -24.96
N GLU B 65 -2.95 5.87 -25.52
CA GLU B 65 -2.07 6.87 -26.14
C GLU B 65 -2.82 7.70 -27.17
N GLU B 66 -3.55 7.02 -28.06
CA GLU B 66 -4.34 7.67 -29.08
C GLU B 66 -5.45 8.55 -28.45
N LEU B 67 -6.20 7.98 -27.52
CA LEU B 67 -7.29 8.73 -26.90
C LEU B 67 -6.79 10.01 -26.24
N ILE B 68 -5.68 9.94 -25.52
CA ILE B 68 -5.09 11.12 -24.87
C ILE B 68 -4.69 12.23 -25.86
N GLU B 69 -3.90 11.89 -26.88
CA GLU B 69 -3.48 12.87 -27.88
C GLU B 69 -4.70 13.57 -28.50
N ARG B 70 -5.74 12.78 -28.72
CA ARG B 70 -7.00 13.24 -29.30
C ARG B 70 -7.71 14.29 -28.43
N ILE B 71 -7.91 13.94 -27.15
CA ILE B 71 -8.47 14.83 -26.15
C ILE B 71 -7.62 16.10 -26.05
N GLN B 72 -6.30 15.95 -26.13
CA GLN B 72 -5.37 17.08 -26.08
C GLN B 72 -5.53 18.08 -27.24
N SER B 73 -5.72 17.57 -28.47
CA SER B 73 -5.86 18.44 -29.63
C SER B 73 -7.31 18.89 -29.85
N GLU B 74 -8.26 18.06 -29.40
CA GLU B 74 -9.69 18.44 -29.39
C GLU B 74 -9.97 19.64 -28.46
N GLY B 75 -9.05 19.90 -27.52
CA GLY B 75 -9.11 21.04 -26.61
C GLY B 75 -10.31 21.15 -25.69
N ALA B 76 -10.70 22.39 -25.36
CA ALA B 76 -11.89 22.65 -24.57
C ALA B 76 -13.18 22.16 -25.25
N ASN B 77 -13.13 21.95 -26.57
CA ASN B 77 -14.29 21.50 -27.33
C ASN B 77 -14.44 19.98 -27.42
N SER B 78 -13.54 19.24 -26.78
CA SER B 78 -13.58 17.76 -26.75
C SER B 78 -14.94 17.25 -26.26
N PRO B 79 -15.57 16.29 -26.98
CA PRO B 79 -16.84 15.69 -26.54
C PRO B 79 -16.69 14.57 -25.51
N GLY B 80 -15.45 14.17 -25.23
CA GLY B 80 -15.21 13.09 -24.28
C GLY B 80 -15.83 13.30 -22.91
N ASP B 81 -16.43 12.25 -22.36
CA ASP B 81 -17.00 12.32 -21.02
C ASP B 81 -16.16 11.52 -20.02
N ILE B 82 -15.74 10.34 -20.46
CA ILE B 82 -15.02 9.41 -19.60
C ILE B 82 -13.80 8.92 -20.35
N LEU B 83 -12.64 8.92 -19.71
CA LEU B 83 -11.53 8.13 -20.20
C LEU B 83 -11.45 6.86 -19.36
N PHE B 84 -11.58 5.72 -20.04
CA PHE B 84 -11.58 4.41 -19.40
C PHE B 84 -10.42 3.58 -19.98
N THR B 85 -9.43 3.26 -19.14
CA THR B 85 -8.25 2.54 -19.61
C THR B 85 -8.11 1.17 -18.96
N VAL B 86 -7.09 0.42 -19.36
CA VAL B 86 -6.77 -0.85 -18.72
C VAL B 86 -5.37 -0.81 -18.09
N ASP B 87 -4.98 0.37 -17.61
CA ASP B 87 -3.65 0.55 -17.05
C ASP B 87 -3.57 1.77 -16.16
N ALA B 88 -3.09 1.57 -14.94
CA ALA B 88 -2.86 2.69 -14.01
C ALA B 88 -1.84 3.68 -14.56
N GLY B 89 -1.02 3.24 -15.50
CA GLY B 89 0.07 4.07 -15.98
C GLY B 89 -0.45 5.13 -16.92
N MET B 90 -1.32 4.70 -17.80
CA MET B 90 -1.91 5.63 -18.73
C MET B 90 -2.87 6.60 -18.05
N LEU B 91 -3.55 6.14 -16.99
CA LEU B 91 -4.37 7.03 -16.18
C LEU B 91 -3.51 8.12 -15.52
N TRP B 92 -2.37 7.72 -14.94
CA TRP B 92 -1.38 8.67 -14.43
C TRP B 92 -0.99 9.66 -15.50
N ARG B 93 -0.60 9.17 -16.67
CA ARG B 93 -0.25 10.01 -17.82
C ARG B 93 -1.39 10.98 -18.19
N ALA B 94 -2.63 10.50 -18.14
CA ALA B 94 -3.80 11.34 -18.40
C ALA B 94 -3.98 12.43 -17.34
N GLU B 95 -3.80 12.06 -16.07
CA GLU B 95 -3.79 13.00 -14.96
C GLU B 95 -2.68 14.05 -15.12
N GLN B 96 -1.53 13.63 -15.64
CA GLN B 96 -0.39 14.56 -15.80
C GLN B 96 -0.70 15.66 -16.82
N ALA B 97 -1.35 15.29 -17.92
CA ALA B 97 -1.74 16.24 -18.96
C ALA B 97 -2.97 17.11 -18.58
N GLY B 98 -3.42 16.99 -17.33
CA GLY B 98 -4.54 17.78 -16.82
C GLY B 98 -5.88 17.46 -17.47
N LEU B 99 -6.05 16.22 -17.91
CA LEU B 99 -7.28 15.80 -18.55
C LEU B 99 -8.44 15.55 -17.58
N PHE B 100 -8.15 15.11 -16.37
CA PHE B 100 -9.22 14.71 -15.46
C PHE B 100 -9.76 15.85 -14.59
N GLN B 101 -11.06 15.87 -14.38
CA GLN B 101 -11.64 16.72 -13.34
C GLN B 101 -11.97 15.87 -12.11
N PRO B 102 -11.75 16.41 -10.90
CA PRO B 102 -12.10 15.62 -9.72
C PRO B 102 -13.61 15.38 -9.61
N VAL B 103 -13.99 14.21 -9.09
CA VAL B 103 -15.39 13.89 -8.78
C VAL B 103 -15.45 13.47 -7.31
N ARG B 104 -16.35 14.07 -6.53
CA ARG B 104 -16.57 13.67 -5.14
C ARG B 104 -17.90 12.93 -5.08
N SER B 105 -17.84 11.70 -4.60
CA SER B 105 -18.98 10.79 -4.66
C SER B 105 -18.96 9.91 -3.42
N GLY B 106 -20.09 9.84 -2.73
CA GLY B 106 -20.21 9.03 -1.53
C GLY B 106 -20.09 7.54 -1.83
N LYS B 107 -20.66 7.13 -2.96
CA LYS B 107 -20.63 5.73 -3.36
C LYS B 107 -19.21 5.28 -3.75
N LEU B 108 -18.48 6.14 -4.46
CA LEU B 108 -17.10 5.83 -4.82
C LEU B 108 -16.19 5.77 -3.57
N ASN B 109 -16.31 6.78 -2.69
CA ASN B 109 -15.58 6.79 -1.41
C ASN B 109 -15.88 5.59 -0.50
N GLU B 110 -17.13 5.13 -0.48
CA GLU B 110 -17.44 3.96 0.32
C GLU B 110 -16.90 2.69 -0.32
N ARG B 111 -16.76 2.67 -1.65
CA ARG B 111 -16.58 1.41 -2.38
C ARG B 111 -15.20 1.10 -2.99
N ILE B 112 -14.54 2.08 -3.60
CA ILE B 112 -13.22 1.82 -4.22
C ILE B 112 -12.13 1.90 -3.17
N PRO B 113 -11.28 0.86 -3.06
CA PRO B 113 -10.18 0.90 -2.10
C PRO B 113 -9.25 2.07 -2.37
N GLU B 114 -8.93 2.78 -1.29
CA GLU B 114 -8.11 3.99 -1.30
C GLU B 114 -6.82 3.94 -2.13
N ASN B 115 -6.14 2.80 -2.19
CA ASN B 115 -4.95 2.66 -3.04
C ASN B 115 -5.26 2.39 -4.52
N LEU B 116 -6.54 2.16 -4.82
CA LEU B 116 -6.99 1.84 -6.18
C LEU B 116 -7.67 3.00 -6.91
N ARG B 117 -7.61 4.18 -6.30
CA ARG B 117 -8.16 5.40 -6.88
C ARG B 117 -7.14 6.54 -6.76
N HIS B 118 -7.34 7.60 -7.54
CA HIS B 118 -6.55 8.80 -7.33
C HIS B 118 -7.01 9.48 -6.05
N PRO B 119 -6.07 9.75 -5.13
CA PRO B 119 -6.42 10.39 -3.84
C PRO B 119 -7.31 11.63 -3.96
N ASP B 120 -7.27 12.33 -5.10
CA ASP B 120 -8.04 13.58 -5.29
C ASP B 120 -9.36 13.34 -6.00
N GLY B 121 -9.74 12.07 -6.17
CA GLY B 121 -10.90 11.74 -6.98
C GLY B 121 -10.77 12.01 -8.49
N LEU B 122 -9.56 12.18 -8.98
CA LEU B 122 -9.33 12.32 -10.43
C LEU B 122 -9.73 11.08 -11.24
N TRP B 123 -9.46 9.88 -10.71
CA TRP B 123 -9.88 8.64 -11.34
C TRP B 123 -9.98 7.51 -10.33
N TYR B 124 -10.56 6.39 -10.76
CA TYR B 124 -10.85 5.25 -9.90
C TYR B 124 -10.62 3.95 -10.67
N GLY B 125 -9.96 2.98 -10.02
CA GLY B 125 -9.86 1.64 -10.55
C GLY B 125 -11.15 0.89 -10.29
N PHE B 126 -11.61 0.14 -11.29
CA PHE B 126 -12.86 -0.62 -11.15
C PHE B 126 -12.62 -2.13 -11.13
N THR B 127 -11.51 -2.56 -11.72
CA THR B 127 -11.09 -3.95 -11.59
C THR B 127 -9.59 -4.00 -11.29
N GLN B 128 -9.16 -5.15 -10.76
CA GLN B 128 -7.75 -5.45 -10.59
C GLN B 128 -7.38 -6.62 -11.49
N ARG B 129 -6.12 -6.65 -11.93
CA ARG B 129 -5.63 -7.75 -12.74
C ARG B 129 -4.18 -8.13 -12.41
N ALA B 130 -3.89 -9.42 -12.42
CA ALA B 130 -2.55 -9.89 -12.16
C ALA B 130 -1.81 -10.27 -13.47
N ARG B 131 -0.61 -9.72 -13.64
CA ARG B 131 0.30 -10.20 -14.69
C ARG B 131 0.96 -11.47 -14.17
N VAL B 132 0.57 -12.62 -14.69
CA VAL B 132 1.06 -13.90 -14.17
C VAL B 132 1.92 -14.69 -15.16
N LEU B 133 2.48 -15.80 -14.70
CA LEU B 133 3.19 -16.69 -15.60
C LEU B 133 2.30 -17.84 -16.07
N TYR B 134 2.55 -18.31 -17.28
CA TYR B 134 1.91 -19.51 -17.82
C TYR B 134 3.00 -20.43 -18.29
N TYR B 135 2.81 -21.72 -18.06
CA TYR B 135 3.84 -22.70 -18.37
C TYR B 135 3.25 -23.97 -18.97
N SER B 136 4.04 -24.64 -19.82
CA SER B 136 3.66 -25.93 -20.41
C SER B 136 3.72 -27.04 -19.37
N ARG B 137 2.57 -27.62 -19.04
CA ARG B 137 2.56 -28.70 -18.05
C ARG B 137 3.54 -29.81 -18.43
N ASP B 138 3.66 -30.04 -19.74
CA ASP B 138 4.46 -31.15 -20.30
C ASP B 138 5.95 -30.89 -20.37
N ARG B 139 6.35 -29.63 -20.36
CA ARG B 139 7.75 -29.30 -20.58
C ARG B 139 8.36 -28.46 -19.48
N VAL B 140 7.52 -27.88 -18.63
CA VAL B 140 8.01 -27.08 -17.53
C VAL B 140 7.54 -27.68 -16.21
N ASN B 141 8.38 -27.53 -15.19
CA ASN B 141 8.13 -27.96 -13.84
C ASN B 141 7.89 -26.68 -13.02
N PRO B 142 6.77 -26.59 -12.28
CA PRO B 142 6.52 -25.32 -11.57
C PRO B 142 7.49 -25.06 -10.43
N ALA B 143 8.41 -26.00 -10.18
CA ALA B 143 9.47 -25.83 -9.20
C ALA B 143 10.55 -24.88 -9.73
N ASP B 144 10.65 -24.79 -11.06
CA ASP B 144 11.61 -23.92 -11.72
C ASP B 144 11.07 -22.52 -11.96
N LEU B 145 9.81 -22.30 -11.62
CA LEU B 145 9.22 -20.98 -11.74
C LEU B 145 9.35 -20.32 -10.39
N SER B 146 9.60 -19.03 -10.38
CA SER B 146 9.54 -18.24 -9.16
C SER B 146 9.13 -16.80 -9.49
N THR B 147 10.00 -16.06 -10.19
CA THR B 147 9.77 -14.64 -10.42
C THR B 147 9.88 -14.23 -11.89
N TYR B 148 9.35 -13.05 -12.24
CA TYR B 148 9.62 -12.46 -13.56
C TYR B 148 11.12 -12.41 -13.81
N GLU B 149 11.87 -12.12 -12.75
CA GLU B 149 13.31 -11.84 -12.85
C GLU B 149 14.11 -13.09 -13.23
N ALA B 150 13.69 -14.24 -12.67
CA ALA B 150 14.36 -15.52 -12.88
C ALA B 150 14.24 -16.00 -14.33
N LEU B 151 13.24 -15.50 -15.05
CA LEU B 151 13.09 -15.82 -16.48
C LEU B 151 14.21 -15.22 -17.33
N ALA B 152 15.12 -14.50 -16.68
CA ALA B 152 16.33 -14.01 -17.34
C ALA B 152 17.43 -15.06 -17.42
N ASP B 153 17.34 -16.11 -16.60
CA ASP B 153 18.38 -17.14 -16.57
C ASP B 153 18.52 -17.90 -17.91
N PRO B 154 19.79 -18.09 -18.36
CA PRO B 154 20.13 -18.73 -19.63
C PRO B 154 19.31 -19.98 -19.96
N GLN B 155 18.95 -20.76 -18.94
CA GLN B 155 18.18 -21.99 -19.14
C GLN B 155 16.84 -21.77 -19.85
N TRP B 156 16.35 -20.54 -19.85
CA TRP B 156 15.13 -20.22 -20.56
C TRP B 156 15.36 -19.78 -22.03
N ARG B 157 16.59 -19.94 -22.52
CA ARG B 157 16.94 -19.65 -23.91
C ARG B 157 15.92 -20.27 -24.85
N GLY B 158 15.24 -19.42 -25.63
CA GLY B 158 14.33 -19.84 -26.69
C GLY B 158 12.99 -20.38 -26.24
N LYS B 159 12.53 -19.94 -25.06
CA LYS B 159 11.37 -20.55 -24.40
C LYS B 159 10.28 -19.57 -23.95
N ILE B 160 10.64 -18.29 -23.83
CA ILE B 160 9.71 -17.27 -23.32
C ILE B 160 8.84 -16.62 -24.40
N LEU B 161 7.54 -16.65 -24.19
CA LEU B 161 6.61 -15.94 -25.07
C LEU B 161 5.99 -14.74 -24.37
N VAL B 162 6.12 -13.56 -24.97
CA VAL B 162 5.47 -12.36 -24.46
C VAL B 162 5.11 -11.44 -25.63
N ARG B 163 3.99 -10.74 -25.54
CA ARG B 163 3.55 -9.82 -26.61
C ARG B 163 4.51 -8.62 -26.88
N PRO B 164 4.28 -7.82 -27.97
CA PRO B 164 5.09 -6.59 -28.29
C PRO B 164 5.31 -5.59 -27.14
N SER B 165 6.50 -4.99 -27.08
CA SER B 165 6.84 -4.07 -25.98
C SER B 165 6.00 -2.78 -25.91
N SER B 166 5.34 -2.43 -27.01
CA SER B 166 4.53 -1.23 -27.01
C SER B 166 3.32 -1.41 -26.09
N ASN B 167 2.88 -2.66 -25.93
CA ASN B 167 1.72 -2.98 -25.10
C ASN B 167 1.83 -2.44 -23.69
N VAL B 168 0.70 -1.94 -23.19
CA VAL B 168 0.67 -1.20 -21.96
C VAL B 168 0.95 -2.08 -20.76
N TYR B 169 0.44 -3.32 -20.81
CA TYR B 169 0.70 -4.31 -19.76
C TYR B 169 2.18 -4.53 -19.57
N ASN B 170 2.90 -4.59 -20.68
CA ASN B 170 4.35 -4.77 -20.66
C ASN B 170 5.09 -3.53 -20.18
N LEU B 171 4.65 -2.36 -20.63
CA LEU B 171 5.19 -1.09 -20.18
C LEU B 171 5.16 -1.01 -18.67
N SER B 172 4.01 -1.36 -18.09
CA SER B 172 3.86 -1.28 -16.65
C SER B 172 4.60 -2.38 -15.87
N LEU B 173 4.68 -3.58 -16.45
CA LEU B 173 5.41 -4.64 -15.81
C LEU B 173 6.84 -4.18 -15.63
N THR B 174 7.40 -3.63 -16.70
CA THR B 174 8.79 -3.19 -16.69
C THR B 174 9.04 -1.95 -15.80
N ALA B 175 8.13 -0.98 -15.84
CA ALA B 175 8.23 0.19 -14.96
C ALA B 175 8.20 -0.21 -13.47
N SER B 176 7.44 -1.24 -13.15
CA SER B 176 7.40 -1.73 -11.79
C SER B 176 8.73 -2.39 -11.46
N ARG B 177 9.34 -3.03 -12.45
CA ARG B 177 10.64 -3.64 -12.25
C ARG B 177 11.70 -2.58 -12.09
N ILE B 178 11.45 -1.40 -12.63
CA ILE B 178 12.38 -0.28 -12.44
C ILE B 178 12.24 0.27 -11.02
N ALA B 179 11.00 0.48 -10.58
CA ALA B 179 10.72 0.87 -9.20
C ALA B 179 11.36 -0.10 -8.22
N ILE B 180 11.19 -1.38 -8.47
CA ILE B 180 11.66 -2.42 -7.56
C ILE B 180 13.19 -2.59 -7.54
N HIS B 181 13.84 -2.55 -8.71
CA HIS B 181 15.23 -3.00 -8.86
C HIS B 181 16.27 -1.93 -9.19
N GLY B 182 15.80 -0.79 -9.68
CA GLY B 182 16.69 0.20 -10.25
C GLY B 182 16.90 -0.09 -11.72
N GLU B 183 17.51 0.86 -12.40
CA GLU B 183 17.63 0.82 -13.87
C GLU B 183 18.70 -0.15 -14.36
N PRO B 184 19.96 0.01 -13.90
CA PRO B 184 21.00 -0.99 -14.19
C PRO B 184 20.52 -2.43 -14.21
N GLU B 185 19.90 -2.87 -13.12
CA GLU B 185 19.48 -4.27 -12.97
C GLU B 185 18.23 -4.61 -13.78
N THR B 186 17.38 -3.62 -14.04
CA THR B 186 16.24 -3.82 -14.91
C THR B 186 16.71 -4.07 -16.34
N ARG B 187 17.72 -3.30 -16.76
CA ARG B 187 18.35 -3.48 -18.06
C ARG B 187 18.88 -4.89 -18.20
N ARG B 188 19.61 -5.35 -17.17
CA ARG B 188 20.17 -6.71 -17.11
C ARG B 188 19.08 -7.80 -17.29
N TRP B 189 17.97 -7.65 -16.58
CA TRP B 189 16.78 -8.53 -16.73
C TRP B 189 16.17 -8.47 -18.13
N LEU B 190 16.07 -7.27 -18.71
CA LEU B 190 15.50 -7.12 -20.04
C LEU B 190 16.37 -7.81 -21.10
N GLN B 191 17.70 -7.64 -20.99
CA GLN B 191 18.67 -8.36 -21.85
C GLN B 191 18.47 -9.89 -21.77
N GLY B 192 18.54 -10.43 -20.57
CA GLY B 192 18.26 -11.84 -20.33
C GLY B 192 16.98 -12.32 -20.98
N LEU B 193 15.89 -11.64 -20.66
CA LEU B 193 14.56 -12.02 -21.13
C LEU B 193 14.42 -12.01 -22.65
N VAL B 194 14.82 -10.91 -23.29
CA VAL B 194 14.79 -10.78 -24.77
C VAL B 194 15.63 -11.85 -25.49
N GLY B 195 16.80 -12.14 -24.95
CA GLY B 195 17.66 -13.20 -25.46
C GLY B 195 17.06 -14.59 -25.29
N ASN B 196 16.11 -14.72 -24.36
CA ASN B 196 15.43 -15.99 -24.09
C ASN B 196 14.13 -16.16 -24.89
N PHE B 197 13.76 -15.15 -25.69
CA PHE B 197 12.49 -15.18 -26.44
C PHE B 197 12.38 -16.42 -27.33
N ALA B 198 11.17 -16.95 -27.49
CA ALA B 198 10.94 -18.05 -28.41
C ALA B 198 10.74 -17.56 -29.84
N ARG B 199 10.48 -16.26 -29.97
CA ARG B 199 10.19 -15.63 -31.24
C ARG B 199 10.03 -14.11 -31.02
N GLN B 200 10.18 -13.33 -32.08
CA GLN B 200 9.85 -11.92 -32.05
C GLN B 200 8.38 -11.76 -31.64
N PRO B 201 8.11 -10.91 -30.64
CA PRO B 201 6.77 -10.83 -30.08
C PRO B 201 5.68 -10.55 -31.11
N GLU B 202 4.61 -11.35 -31.06
CA GLU B 202 3.37 -11.06 -31.81
C GLU B 202 2.14 -11.70 -31.23
N GLY B 203 1.02 -11.00 -31.35
CA GLY B 203 -0.24 -11.45 -30.76
C GLY B 203 -0.38 -10.98 -29.33
N ASN B 204 -1.62 -10.98 -28.85
CA ASN B 204 -1.95 -10.55 -27.48
C ASN B 204 -1.54 -11.59 -26.42
N ASP B 205 -1.93 -11.34 -25.17
CA ASP B 205 -1.74 -12.28 -24.09
C ASP B 205 -2.28 -13.68 -24.40
N THR B 206 -3.51 -13.78 -24.90
CA THR B 206 -4.12 -15.09 -25.17
C THR B 206 -3.26 -15.88 -26.16
N ALA B 207 -2.81 -15.22 -27.22
CA ALA B 207 -1.91 -15.79 -28.24
C ALA B 207 -0.66 -16.47 -27.68
N GLN B 208 -0.16 -15.93 -26.57
CA GLN B 208 1.00 -16.50 -25.88
C GLN B 208 0.65 -17.82 -25.18
N ILE B 209 -0.50 -17.85 -24.52
CA ILE B 209 -0.97 -19.08 -23.86
C ILE B 209 -1.08 -20.20 -24.90
N ARG B 210 -1.77 -19.89 -26.01
CA ARG B 210 -2.00 -20.84 -27.10
C ARG B 210 -0.67 -21.28 -27.70
N ALA B 211 0.23 -20.32 -27.91
CA ALA B 211 1.56 -20.59 -28.47
C ALA B 211 2.29 -21.60 -27.60
N ILE B 212 2.07 -21.55 -26.28
CA ILE B 212 2.60 -22.55 -25.37
C ILE B 212 2.06 -23.95 -25.70
N ALA B 213 0.72 -24.06 -25.80
CA ALA B 213 0.04 -25.32 -26.12
C ALA B 213 0.60 -25.98 -27.38
N ALA B 214 0.84 -25.17 -28.41
CA ALA B 214 1.36 -25.64 -29.69
C ALA B 214 2.86 -25.91 -29.63
N GLY B 215 3.49 -25.57 -28.51
CA GLY B 215 4.90 -25.91 -28.32
C GLY B 215 5.92 -24.96 -28.94
N ILE B 216 5.47 -23.77 -29.33
CA ILE B 216 6.37 -22.74 -29.85
C ILE B 216 7.27 -22.19 -28.72
N GLY B 217 6.74 -22.15 -27.50
CA GLY B 217 7.47 -21.70 -26.31
C GLY B 217 7.04 -22.51 -25.09
N ASP B 218 7.70 -22.26 -23.95
CA ASP B 218 7.43 -23.01 -22.72
C ASP B 218 6.81 -22.18 -21.57
N VAL B 219 7.16 -20.88 -21.51
CA VAL B 219 6.68 -19.97 -20.47
C VAL B 219 6.24 -18.63 -21.06
N ALA B 220 5.12 -18.11 -20.57
CA ALA B 220 4.54 -16.85 -21.05
C ALA B 220 4.20 -15.84 -19.94
N ILE B 221 4.43 -14.56 -20.22
CA ILE B 221 3.97 -13.49 -19.36
C ILE B 221 2.70 -12.89 -19.95
N ALA B 222 1.62 -12.90 -19.18
CA ALA B 222 0.29 -12.49 -19.62
C ALA B 222 -0.66 -12.35 -18.41
N ASN B 223 -1.86 -11.81 -18.66
CA ASN B 223 -2.80 -11.47 -17.58
C ASN B 223 -3.62 -12.67 -17.11
N SER B 224 -4.16 -12.58 -15.89
CA SER B 224 -4.85 -13.72 -15.28
C SER B 224 -6.24 -14.05 -15.86
N TYR B 225 -7.07 -13.03 -16.08
CA TYR B 225 -8.43 -13.25 -16.58
C TYR B 225 -8.47 -13.97 -17.94
N TYR B 226 -7.44 -13.80 -18.77
CA TYR B 226 -7.35 -14.49 -20.05
C TYR B 226 -7.37 -16.01 -19.90
N TYR B 227 -6.67 -16.53 -18.91
CA TYR B 227 -6.71 -17.98 -18.66
C TYR B 227 -8.10 -18.41 -18.23
N ILE B 228 -8.68 -17.69 -17.26
CA ILE B 228 -10.01 -18.01 -16.73
C ILE B 228 -11.04 -18.09 -17.86
N ARG B 229 -11.00 -17.13 -18.78
CA ARG B 229 -11.85 -17.18 -19.98
C ARG B 229 -11.76 -18.57 -20.64
N LEU B 230 -10.55 -19.09 -20.77
CA LEU B 230 -10.30 -20.32 -21.51
C LEU B 230 -10.80 -21.52 -20.73
N GLN B 231 -10.66 -21.47 -19.41
CA GLN B 231 -11.22 -22.52 -18.53
C GLN B 231 -12.73 -22.62 -18.63
N LYS B 232 -13.38 -21.50 -18.95
CA LYS B 232 -14.84 -21.42 -19.03
C LYS B 232 -15.38 -21.67 -20.45
N SER B 233 -14.56 -21.39 -21.46
CA SER B 233 -14.97 -21.62 -22.85
C SER B 233 -15.29 -23.11 -23.08
N THR B 234 -16.33 -23.37 -23.88
CA THR B 234 -16.72 -24.75 -24.19
C THR B 234 -16.05 -25.24 -25.47
N ASP B 235 -15.50 -24.30 -26.24
CA ASP B 235 -14.76 -24.60 -27.47
C ASP B 235 -13.68 -25.66 -27.16
N PRO B 236 -13.74 -26.83 -27.82
CA PRO B 236 -12.71 -27.89 -27.63
C PRO B 236 -11.26 -27.41 -27.75
N ALA B 237 -10.98 -26.52 -28.71
CA ALA B 237 -9.66 -25.91 -28.88
C ALA B 237 -9.18 -25.13 -27.64
N ASP B 238 -10.13 -24.64 -26.85
CA ASP B 238 -9.83 -23.86 -25.65
C ASP B 238 -9.60 -24.76 -24.44
N GLN B 239 -10.36 -25.85 -24.37
CA GLN B 239 -10.11 -26.87 -23.35
C GLN B 239 -8.76 -27.56 -23.59
N GLU B 240 -8.37 -27.72 -24.87
CA GLU B 240 -7.04 -28.22 -25.22
C GLU B 240 -5.95 -27.39 -24.54
N VAL B 241 -6.02 -26.07 -24.74
CA VAL B 241 -5.04 -25.14 -24.17
C VAL B 241 -4.94 -25.30 -22.64
N VAL B 242 -6.12 -25.33 -21.98
CA VAL B 242 -6.22 -25.43 -20.53
C VAL B 242 -5.74 -26.78 -19.98
N GLU B 243 -5.75 -27.81 -20.82
CA GLU B 243 -5.25 -29.14 -20.44
C GLU B 243 -3.73 -29.23 -20.52
N LYS B 244 -3.09 -28.28 -21.21
CA LYS B 244 -1.64 -28.33 -21.47
C LYS B 244 -0.85 -27.21 -20.78
N VAL B 245 -1.55 -26.12 -20.48
CA VAL B 245 -0.94 -24.90 -19.94
C VAL B 245 -1.55 -24.64 -18.57
N SER B 246 -0.74 -24.15 -17.64
CA SER B 246 -1.26 -23.80 -16.32
C SER B 246 -0.92 -22.37 -15.91
N LEU B 247 -1.69 -21.87 -14.94
CA LEU B 247 -1.44 -20.58 -14.33
C LEU B 247 -0.44 -20.75 -13.20
N PHE B 248 0.45 -19.78 -13.07
CA PHE B 248 1.38 -19.72 -11.95
C PHE B 248 1.55 -18.26 -11.55
N PHE B 249 1.19 -17.96 -10.30
CA PHE B 249 1.41 -16.65 -9.72
C PHE B 249 2.86 -16.48 -9.39
N PRO B 250 3.50 -15.47 -10.01
CA PRO B 250 4.90 -15.14 -9.74
C PRO B 250 5.09 -14.20 -8.54
N ASN B 251 6.29 -14.27 -7.96
CA ASN B 251 6.73 -13.35 -6.92
C ASN B 251 5.88 -13.39 -5.65
N THR B 252 5.47 -14.57 -5.24
CA THR B 252 4.71 -14.70 -4.00
C THR B 252 5.59 -15.34 -2.93
N GLY B 253 6.79 -15.75 -3.34
CA GLY B 253 7.72 -16.45 -2.47
C GLY B 253 8.50 -15.57 -1.52
N SER B 254 9.44 -16.21 -0.83
CA SER B 254 10.25 -15.62 0.23
C SER B 254 11.05 -14.41 -0.22
N GLY B 255 10.82 -13.26 0.43
CA GLY B 255 11.54 -12.03 0.13
C GLY B 255 11.11 -11.34 -1.16
N GLU B 256 10.37 -12.05 -2.01
CA GLU B 256 9.78 -11.45 -3.20
C GLU B 256 8.72 -10.43 -2.71
N ARG B 257 8.30 -9.49 -3.55
CA ARG B 257 7.40 -8.44 -3.03
C ARG B 257 5.91 -8.73 -3.14
N GLY B 258 5.53 -9.60 -4.08
CA GLY B 258 4.14 -9.84 -4.46
C GLY B 258 3.97 -9.82 -5.97
N THR B 259 2.85 -10.34 -6.47
CA THR B 259 2.57 -10.31 -7.92
C THR B 259 2.32 -8.89 -8.43
N HIS B 260 2.81 -8.62 -9.65
CA HIS B 260 2.51 -7.38 -10.34
C HIS B 260 1.02 -7.32 -10.57
N VAL B 261 0.41 -6.28 -10.04
CA VAL B 261 -1.03 -6.06 -10.16
C VAL B 261 -1.26 -4.73 -10.83
N ASN B 262 -2.19 -4.71 -11.77
CA ASN B 262 -2.56 -3.46 -12.42
C ASN B 262 -4.06 -3.32 -12.31
N VAL B 263 -4.55 -2.13 -12.63
CA VAL B 263 -5.97 -1.87 -12.55
C VAL B 263 -6.51 -1.42 -13.89
N SER B 264 -7.80 -1.66 -14.10
CA SER B 264 -8.57 -1.05 -15.18
C SER B 264 -9.46 -0.03 -14.51
N GLY B 265 -9.36 1.22 -14.94
CA GLY B 265 -10.09 2.29 -14.28
C GLY B 265 -10.42 3.48 -15.14
N ALA B 266 -11.24 4.37 -14.61
CA ALA B 266 -11.77 5.48 -15.39
C ALA B 266 -11.85 6.75 -14.56
N GLY B 267 -11.93 7.87 -15.27
CA GLY B 267 -12.15 9.18 -14.65
C GLY B 267 -13.00 10.03 -15.58
N VAL B 268 -13.52 11.16 -15.07
CA VAL B 268 -14.35 12.07 -15.88
C VAL B 268 -13.48 13.16 -16.49
N LEU B 269 -13.67 13.41 -17.78
CA LEU B 269 -12.88 14.41 -18.50
C LEU B 269 -13.19 15.86 -18.13
N LYS B 270 -12.17 16.71 -18.20
CA LYS B 270 -12.28 18.12 -17.84
C LYS B 270 -13.44 18.86 -18.52
N ASN B 271 -13.57 18.76 -19.83
CA ASN B 271 -14.67 19.44 -20.50
C ASN B 271 -15.79 18.49 -20.89
N ALA B 272 -16.12 17.58 -19.99
CA ALA B 272 -17.17 16.62 -20.25
C ALA B 272 -18.49 17.34 -20.48
N PRO B 273 -19.05 17.26 -21.69
CA PRO B 273 -20.35 17.88 -21.94
C PRO B 273 -21.51 17.20 -21.21
N ASN B 274 -21.36 15.91 -20.89
CA ASN B 274 -22.41 15.19 -20.17
C ASN B 274 -22.01 14.84 -18.74
N ARG B 275 -21.51 15.83 -18.01
CA ARG B 275 -20.90 15.70 -16.68
C ARG B 275 -21.69 14.82 -15.69
N ASP B 276 -23.00 15.03 -15.66
CA ASP B 276 -23.90 14.39 -14.71
C ASP B 276 -24.07 12.91 -15.01
N ALA B 277 -24.04 12.58 -16.30
CA ALA B 277 -24.08 11.20 -16.75
C ALA B 277 -22.71 10.56 -16.59
N ALA B 278 -21.66 11.36 -16.78
CA ALA B 278 -20.30 10.93 -16.55
C ALA B 278 -20.11 10.42 -15.10
N ILE B 279 -20.41 11.28 -14.12
CA ILE B 279 -20.39 10.87 -12.70
C ILE B 279 -21.22 9.60 -12.45
N ALA B 280 -22.45 9.58 -12.93
CA ALA B 280 -23.34 8.42 -12.78
C ALA B 280 -22.74 7.15 -13.38
N PHE B 281 -21.92 7.31 -14.43
CA PHE B 281 -21.28 6.17 -15.10
C PHE B 281 -20.21 5.54 -14.24
N LEU B 282 -19.38 6.37 -13.61
CA LEU B 282 -18.39 5.89 -12.64
C LEU B 282 -19.09 5.25 -11.45
N GLU B 283 -20.13 5.92 -10.94
CA GLU B 283 -20.97 5.36 -9.90
C GLU B 283 -21.47 3.99 -10.32
N TYR B 284 -22.01 3.90 -11.54
CA TYR B 284 -22.49 2.64 -12.08
C TYR B 284 -21.42 1.54 -12.14
N LEU B 285 -20.19 1.92 -12.48
CA LEU B 285 -19.09 0.94 -12.60
C LEU B 285 -18.69 0.29 -11.27
N ALA B 286 -19.23 0.81 -10.17
CA ALA B 286 -18.98 0.26 -8.85
C ALA B 286 -20.25 -0.36 -8.23
N SER B 287 -21.33 -0.38 -9.01
CA SER B 287 -22.57 -1.03 -8.58
C SER B 287 -22.31 -2.52 -8.39
N ASP B 288 -23.09 -3.17 -7.51
CA ASP B 288 -22.99 -4.62 -7.38
C ASP B 288 -23.14 -5.32 -8.72
N ASP B 289 -24.00 -4.78 -9.59
CA ASP B 289 -24.28 -5.42 -10.88
C ASP B 289 -23.10 -5.35 -11.84
N ALA B 290 -22.41 -4.21 -11.87
CA ALA B 290 -21.23 -4.04 -12.74
C ALA B 290 -20.03 -4.80 -12.23
N GLN B 291 -19.87 -4.83 -10.90
CA GLN B 291 -18.75 -5.47 -10.24
C GLN B 291 -18.77 -6.99 -10.39
N ARG B 292 -19.96 -7.57 -10.35
CA ARG B 292 -20.07 -9.02 -10.55
C ARG B 292 -20.01 -9.40 -12.04
N TYR B 293 -20.30 -8.44 -12.93
CA TYR B 293 -19.95 -8.60 -14.34
C TYR B 293 -18.43 -8.70 -14.51
N PHE B 294 -17.70 -7.70 -14.00
CA PHE B 294 -16.26 -7.70 -14.14
C PHE B 294 -15.66 -9.02 -13.64
N ALA B 295 -16.16 -9.50 -12.51
CA ALA B 295 -15.66 -10.71 -11.87
C ALA B 295 -16.06 -11.98 -12.60
N GLU B 296 -17.36 -12.18 -12.80
CA GLU B 296 -17.87 -13.43 -13.38
C GLU B 296 -17.95 -13.29 -14.90
N GLY B 297 -18.36 -12.11 -15.36
CA GLY B 297 -18.46 -11.80 -16.78
C GLY B 297 -17.11 -11.77 -17.49
N ASN B 298 -16.19 -10.90 -17.03
CA ASN B 298 -14.87 -10.76 -17.65
C ASN B 298 -13.68 -11.30 -16.84
N ASN B 299 -13.99 -11.97 -15.73
CA ASN B 299 -12.99 -12.76 -14.98
C ASN B 299 -11.90 -11.99 -14.27
N GLU B 300 -12.12 -10.70 -14.10
CA GLU B 300 -11.19 -9.84 -13.38
C GLU B 300 -11.48 -9.89 -11.88
N TYR B 301 -10.60 -9.26 -11.10
CA TYR B 301 -10.79 -9.11 -9.68
C TYR B 301 -11.67 -7.89 -9.38
N PRO B 302 -12.86 -8.11 -8.81
CA PRO B 302 -13.68 -6.97 -8.40
C PRO B 302 -12.95 -6.20 -7.31
N VAL B 303 -13.08 -4.88 -7.30
CA VAL B 303 -12.45 -4.04 -6.27
C VAL B 303 -13.36 -3.78 -5.07
N ILE B 304 -14.66 -3.99 -5.28
CA ILE B 304 -15.70 -3.61 -4.31
C ILE B 304 -15.84 -4.61 -3.16
N PRO B 305 -16.00 -4.09 -1.93
CA PRO B 305 -16.29 -4.98 -0.80
C PRO B 305 -17.70 -5.54 -0.97
N GLY B 306 -17.84 -6.86 -0.85
CA GLY B 306 -19.17 -7.47 -0.97
C GLY B 306 -19.31 -8.40 -2.16
N VAL B 307 -18.64 -8.09 -3.25
CA VAL B 307 -18.65 -8.98 -4.41
C VAL B 307 -17.48 -9.97 -4.30
N PRO B 308 -17.78 -11.28 -4.42
CA PRO B 308 -16.73 -12.31 -4.31
C PRO B 308 -16.02 -12.59 -5.63
N ILE B 309 -14.86 -13.21 -5.52
CA ILE B 309 -14.06 -13.56 -6.68
C ILE B 309 -14.74 -14.74 -7.35
N ASP B 310 -14.68 -14.80 -8.68
CA ASP B 310 -15.23 -15.95 -9.41
C ASP B 310 -14.61 -17.25 -8.93
N PRO B 311 -15.41 -18.29 -8.74
CA PRO B 311 -14.86 -19.51 -8.10
C PRO B 311 -13.75 -20.17 -8.92
N VAL B 312 -13.78 -19.99 -10.24
CA VAL B 312 -12.76 -20.56 -11.12
C VAL B 312 -11.45 -19.79 -10.95
N LEU B 313 -11.54 -18.46 -10.86
CA LEU B 313 -10.36 -17.64 -10.56
C LEU B 313 -9.82 -17.89 -9.15
N ALA B 314 -10.72 -18.04 -8.20
CA ALA B 314 -10.35 -18.21 -6.80
C ALA B 314 -9.69 -19.57 -6.52
N ALA B 315 -10.11 -20.60 -7.25
CA ALA B 315 -9.57 -21.96 -7.10
C ALA B 315 -8.08 -22.04 -7.40
N HIS B 316 -7.56 -20.99 -8.04
CA HIS B 316 -6.14 -20.86 -8.35
C HIS B 316 -5.33 -20.35 -7.15
N GLY B 317 -6.03 -19.92 -6.10
CA GLY B 317 -5.37 -19.38 -4.92
C GLY B 317 -5.56 -17.88 -4.77
N GLN B 318 -5.39 -17.39 -3.55
CA GLN B 318 -5.54 -15.97 -3.25
C GLN B 318 -4.45 -15.14 -3.91
N LEU B 319 -4.81 -13.96 -4.39
CA LEU B 319 -3.85 -13.03 -4.96
C LEU B 319 -3.01 -12.43 -3.86
N LYS B 320 -1.69 -12.44 -4.04
CA LYS B 320 -0.77 -11.76 -3.13
C LYS B 320 0.01 -10.67 -3.88
N GLY B 321 -0.60 -9.50 -4.00
CA GLY B 321 -0.05 -8.44 -4.83
C GLY B 321 1.04 -7.64 -4.17
N ASP B 322 2.06 -7.32 -4.96
CA ASP B 322 3.08 -6.31 -4.68
C ASP B 322 2.40 -5.04 -4.15
N PRO B 323 2.84 -4.50 -3.01
CA PRO B 323 2.22 -3.29 -2.44
C PRO B 323 2.55 -1.95 -3.14
N LEU B 324 3.46 -1.99 -4.13
CA LEU B 324 3.85 -0.81 -4.93
C LEU B 324 2.69 0.09 -5.32
N ASN B 325 2.79 1.39 -5.01
CA ASN B 325 1.80 2.37 -5.42
C ASN B 325 1.63 2.39 -6.93
N VAL B 326 0.38 2.48 -7.38
CA VAL B 326 0.03 2.40 -8.79
C VAL B 326 0.50 3.55 -9.67
N SER B 327 0.77 4.72 -9.09
CA SER B 327 1.23 5.86 -9.87
C SER B 327 2.66 5.66 -10.34
N ASN B 328 3.36 4.71 -9.70
CA ASN B 328 4.72 4.36 -10.08
C ASN B 328 4.80 3.72 -11.47
N LEU B 329 3.72 3.02 -11.83
CA LEU B 329 3.61 2.36 -13.13
C LEU B 329 3.56 3.39 -14.27
N GLY B 330 3.37 4.66 -13.91
CA GLY B 330 3.27 5.75 -14.87
C GLY B 330 4.51 6.61 -14.89
N ARG B 331 5.14 6.79 -13.74
CA ARG B 331 6.35 7.58 -13.65
C ARG B 331 7.47 6.94 -14.46
N TYR B 332 7.53 5.62 -14.45
CA TYR B 332 8.61 4.90 -15.12
C TYR B 332 8.24 4.36 -16.51
N GLN B 333 7.10 4.77 -17.07
CA GLN B 333 6.71 4.34 -18.42
C GLN B 333 7.66 4.78 -19.52
N PRO B 334 8.08 6.08 -19.54
CA PRO B 334 9.05 6.50 -20.56
C PRO B 334 10.35 5.69 -20.47
N ASP B 335 10.85 5.53 -19.24
CA ASP B 335 12.10 4.84 -18.98
C ASP B 335 12.00 3.38 -19.35
N SER B 336 10.83 2.80 -19.07
CA SER B 336 10.50 1.43 -19.43
C SER B 336 10.53 1.20 -20.95
N ALA B 337 9.89 2.09 -21.71
CA ALA B 337 9.86 2.02 -23.18
C ALA B 337 11.25 2.19 -23.76
N ARG B 338 12.01 3.15 -23.22
CA ARG B 338 13.34 3.48 -23.70
C ARG B 338 14.25 2.29 -23.53
N LEU B 339 14.10 1.61 -22.40
CA LEU B 339 14.97 0.51 -22.01
C LEU B 339 14.61 -0.76 -22.79
N MET B 340 13.32 -0.97 -23.00
CA MET B 340 12.87 -2.10 -23.80
C MET B 340 13.38 -1.94 -25.22
N ASN B 341 13.19 -0.75 -25.79
CA ASN B 341 13.70 -0.44 -27.11
C ASN B 341 15.20 -0.66 -27.29
N GLU B 342 15.98 -0.34 -26.26
CA GLU B 342 17.43 -0.42 -26.36
C GLU B 342 17.98 -1.84 -26.30
N VAL B 343 17.27 -2.74 -25.60
CA VAL B 343 17.68 -4.16 -25.52
C VAL B 343 17.10 -4.98 -26.68
N GLY B 344 16.23 -4.35 -27.46
CA GLY B 344 15.65 -4.97 -28.64
C GLY B 344 14.40 -5.79 -28.38
N TRP B 345 13.52 -5.29 -27.50
CA TRP B 345 12.20 -5.86 -27.31
C TRP B 345 11.24 -5.13 -28.23
N GLN B 346 10.73 -5.84 -29.21
CA GLN B 346 9.87 -5.24 -30.23
C GLN B 346 8.40 -5.35 -29.83
FE FE C . 5.75 7.07 21.97
CL CL D . 7.27 -1.20 20.06
O1 MES E . 22.62 24.22 26.81
C2 MES E . 21.50 25.12 27.02
C3 MES E . 20.20 24.34 26.92
N4 MES E . 20.24 23.62 25.64
C5 MES E . 21.39 22.70 25.49
C6 MES E . 22.64 23.55 25.53
C7 MES E . 18.99 22.90 25.42
C8 MES E . 18.81 22.68 23.93
S MES E . 17.30 21.72 23.59
O1S MES E . 16.14 22.59 23.96
O2S MES E . 17.30 20.44 24.38
O3S MES E . 17.27 21.39 22.12
FE FE F . -6.66 -7.01 -21.42
CL CL G . -4.61 1.27 -21.36
O1 MES H . -1.10 -23.21 -38.74
C2 MES H . -1.60 -24.32 -37.94
C3 MES H . -2.13 -23.84 -36.59
N4 MES H . -1.13 -22.98 -35.92
C5 MES H . -0.54 -21.91 -36.77
C6 MES H . -0.03 -22.48 -38.09
C7 MES H . -1.77 -22.38 -34.74
C8 MES H . -0.69 -22.02 -33.73
S MES H . -1.27 -20.96 -32.38
O1S MES H . -1.36 -19.58 -32.92
O2S MES H . -0.29 -21.04 -31.25
O3S MES H . -2.64 -21.43 -31.94
#